data_7QFI
#
_entry.id   7QFI
#
_cell.length_a   37.350
_cell.length_b   38.347
_cell.length_c   82.745
_cell.angle_alpha   90.000
_cell.angle_beta   93.927
_cell.angle_gamma   90.000
#
_symmetry.space_group_name_H-M   'P 1 21 1'
#
loop_
_entity.id
_entity.type
_entity.pdbx_description
1 polymer SlpX
2 non-polymer 'CALCIUM ION'
3 water water
#
_entity_poly.entity_id   1
_entity_poly.type   'polypeptide(L)'
_entity_poly.pdbx_seq_one_letter_code
;MGDTAVNVGSAAGTGANTTNTTTQAPQNKPYFTYNNEIIGEATQSNPLGNVVRTTISFKSDDKVSDLISTISKAVQFHKN
NSASGENVTINENDFINQLKANGVTVKTVQPSNKNEKAYEAIDKVPSTSFNITLSATGDNNQTATIQIPMVPQGLEHHHH
HH
;
_entity_poly.pdbx_strand_id   A,B
#
# COMPACT_ATOMS: atom_id res chain seq x y z
N ASN A 28 -21.04 -3.71 28.55
CA ASN A 28 -21.45 -2.70 27.51
C ASN A 28 -20.38 -2.60 26.42
N LYS A 29 -19.62 -3.69 26.23
CA LYS A 29 -18.40 -3.69 25.40
C LYS A 29 -18.72 -3.56 23.92
N PRO A 30 -17.77 -2.98 23.15
CA PRO A 30 -17.85 -2.98 21.71
C PRO A 30 -17.67 -4.43 21.20
N TYR A 31 -18.19 -4.73 20.00
CA TYR A 31 -18.18 -6.13 19.51
C TYR A 31 -18.37 -6.14 18.00
N PHE A 32 -17.95 -7.26 17.43
CA PHE A 32 -18.11 -7.53 16.00
C PHE A 32 -19.25 -8.50 15.79
N THR A 33 -19.86 -8.39 14.62
CA THR A 33 -20.62 -9.51 14.06
C THR A 33 -19.93 -9.98 12.77
N TYR A 34 -20.17 -11.24 12.45
CA TYR A 34 -19.72 -11.82 11.16
C TYR A 34 -20.96 -12.45 10.54
N ASN A 35 -21.35 -11.94 9.38
CA ASN A 35 -22.65 -12.31 8.76
C ASN A 35 -23.74 -12.29 9.82
N ASN A 36 -23.75 -11.20 10.58
CA ASN A 36 -24.82 -10.82 11.54
C ASN A 36 -24.81 -11.69 12.80
N GLU A 37 -23.85 -12.57 12.96
CA GLU A 37 -23.72 -13.41 14.16
C GLU A 37 -22.76 -12.70 15.12
N ILE A 38 -23.15 -12.55 16.38
CA ILE A 38 -22.30 -11.90 17.40
C ILE A 38 -21.08 -12.77 17.66
N ILE A 39 -19.90 -12.16 17.58
CA ILE A 39 -18.64 -12.87 17.89
C ILE A 39 -18.29 -12.57 19.33
N GLY A 40 -17.94 -13.64 20.03
CA GLY A 40 -17.57 -13.55 21.42
C GLY A 40 -16.21 -12.94 21.62
N GLU A 41 -15.94 -12.65 22.88
CA GLU A 41 -14.60 -12.26 23.32
C GLU A 41 -13.72 -13.50 23.56
N ALA A 42 -12.42 -13.27 23.53
CA ALA A 42 -11.49 -14.21 24.17
C ALA A 42 -11.71 -14.09 25.69
N THR A 43 -11.92 -15.21 26.38
CA THR A 43 -12.16 -15.23 27.84
C THR A 43 -11.02 -16.02 28.48
N GLN A 44 -10.93 -15.97 29.81
CA GLN A 44 -9.90 -16.76 30.52
C GLN A 44 -10.13 -18.26 30.28
N SER A 45 -11.38 -18.71 30.32
CA SER A 45 -11.78 -20.10 30.12
C SER A 45 -11.63 -20.47 28.65
N ASN A 46 -11.86 -19.52 27.76
CA ASN A 46 -11.89 -19.82 26.30
C ASN A 46 -11.11 -18.74 25.56
N PRO A 47 -9.78 -18.86 25.53
CA PRO A 47 -8.96 -17.84 24.87
C PRO A 47 -9.17 -17.80 23.35
N LEU A 48 -9.83 -18.79 22.77
CA LEU A 48 -10.15 -18.75 21.32
C LEU A 48 -11.61 -18.38 21.12
N GLY A 49 -12.24 -17.75 22.14
CA GLY A 49 -13.65 -17.34 22.07
C GLY A 49 -13.95 -16.32 20.99
N ASN A 50 -12.94 -15.64 20.45
CA ASN A 50 -13.14 -14.58 19.44
C ASN A 50 -12.72 -15.08 18.05
N VAL A 51 -12.50 -16.37 17.88
CA VAL A 51 -12.20 -16.94 16.55
C VAL A 51 -13.54 -17.19 15.86
N VAL A 52 -13.76 -16.52 14.75
CA VAL A 52 -15.02 -16.62 13.99
C VAL A 52 -15.17 -18.05 13.47
N ARG A 53 -16.41 -18.57 13.51
CA ARG A 53 -16.71 -19.89 12.89
C ARG A 53 -16.96 -19.63 11.39
N THR A 54 -15.87 -19.38 10.67
CA THR A 54 -15.90 -19.24 9.20
C THR A 54 -14.53 -19.65 8.69
N THR A 55 -14.38 -19.68 7.38
CA THR A 55 -13.08 -19.81 6.71
C THR A 55 -13.17 -18.99 5.46
N ILE A 56 -12.13 -18.23 5.19
CA ILE A 56 -11.97 -17.47 3.94
C ILE A 56 -10.93 -18.22 3.10
N SER A 57 -11.34 -18.76 1.95
CA SER A 57 -10.38 -19.47 1.08
C SER A 57 -9.66 -18.48 0.18
N PHE A 58 -8.42 -18.81 -0.13
CA PHE A 58 -7.60 -17.96 -1.01
C PHE A 58 -6.68 -18.88 -1.78
N LYS A 59 -6.32 -18.44 -2.98
CA LYS A 59 -5.50 -19.23 -3.91
C LYS A 59 -4.66 -18.25 -4.74
N SER A 60 -3.65 -18.81 -5.39
CA SER A 60 -2.78 -18.05 -6.29
C SER A 60 -3.64 -17.25 -7.26
N ASP A 61 -3.26 -16.00 -7.53
CA ASP A 61 -3.91 -15.06 -8.46
C ASP A 61 -5.14 -14.37 -7.85
N ASP A 62 -5.61 -14.76 -6.67
CA ASP A 62 -6.71 -14.00 -6.05
C ASP A 62 -6.24 -12.58 -5.81
N LYS A 63 -7.08 -11.61 -6.13
CA LYS A 63 -6.76 -10.21 -5.83
C LYS A 63 -6.87 -9.97 -4.34
N VAL A 64 -5.88 -9.30 -3.77
CA VAL A 64 -5.96 -8.92 -2.34
C VAL A 64 -7.25 -8.12 -2.12
N SER A 65 -7.58 -7.20 -3.01
CA SER A 65 -8.81 -6.36 -2.87
C SER A 65 -10.06 -7.24 -2.78
N ASP A 66 -10.10 -8.37 -3.49
CA ASP A 66 -11.27 -9.27 -3.45
C ASP A 66 -11.34 -9.97 -2.11
N LEU A 67 -10.21 -10.43 -1.52
CA LEU A 67 -10.24 -11.08 -0.19
C LEU A 67 -10.66 -10.07 0.85
N ILE A 68 -10.16 -8.86 0.78
CA ILE A 68 -10.55 -7.82 1.77
C ILE A 68 -12.04 -7.50 1.62
N SER A 69 -12.52 -7.42 0.39
N SER A 69 -12.52 -7.42 0.39
CA SER A 69 -13.97 -7.19 0.10
CA SER A 69 -13.96 -7.18 0.08
C SER A 69 -14.82 -8.29 0.71
C SER A 69 -14.81 -8.28 0.71
N THR A 70 -14.42 -9.54 0.57
CA THR A 70 -15.19 -10.68 1.12
C THR A 70 -15.26 -10.52 2.64
N ILE A 71 -14.14 -10.19 3.27
CA ILE A 71 -14.13 -10.09 4.74
C ILE A 71 -14.99 -8.90 5.16
N SER A 72 -14.80 -7.77 4.52
CA SER A 72 -15.45 -6.51 4.87
C SER A 72 -16.96 -6.64 4.72
N LYS A 73 -17.46 -7.35 3.70
CA LYS A 73 -18.92 -7.52 3.51
C LYS A 73 -19.52 -8.25 4.71
N ALA A 74 -18.77 -9.16 5.32
CA ALA A 74 -19.29 -10.04 6.38
C ALA A 74 -19.15 -9.39 7.76
N VAL A 75 -18.21 -8.47 7.92
CA VAL A 75 -17.86 -8.02 9.30
C VAL A 75 -18.44 -6.66 9.56
N GLN A 76 -19.11 -6.52 10.71
N GLN A 76 -19.07 -6.51 10.72
CA GLN A 76 -19.58 -5.20 11.20
CA GLN A 76 -19.46 -5.17 11.19
C GLN A 76 -19.01 -4.97 12.61
C GLN A 76 -18.99 -4.97 12.61
N PHE A 77 -18.64 -3.73 12.92
CA PHE A 77 -18.17 -3.35 14.25
C PHE A 77 -19.27 -2.55 14.93
N HIS A 78 -19.36 -2.69 16.24
CA HIS A 78 -20.31 -1.98 17.07
C HIS A 78 -19.54 -1.27 18.15
N LYS A 79 -19.60 0.05 18.15
CA LYS A 79 -18.72 0.83 19.05
C LYS A 79 -19.15 0.72 20.50
N ASN A 80 -20.35 0.25 20.79
CA ASN A 80 -20.78 -0.15 22.14
C ASN A 80 -21.86 -1.23 22.00
N ASN A 81 -22.36 -1.72 23.11
CA ASN A 81 -23.24 -2.90 23.11
C ASN A 81 -24.54 -2.62 22.34
N SER A 82 -25.05 -1.40 22.32
CA SER A 82 -26.37 -1.11 21.71
C SER A 82 -26.22 -0.43 20.35
N ALA A 83 -24.99 -0.08 19.92
CA ALA A 83 -24.77 0.67 18.69
C ALA A 83 -25.10 -0.16 17.44
N SER A 84 -25.61 0.52 16.42
CA SER A 84 -25.81 -0.10 15.11
C SER A 84 -24.45 -0.42 14.48
N GLY A 85 -24.43 -1.48 13.69
CA GLY A 85 -23.20 -1.93 13.05
C GLY A 85 -22.67 -0.94 12.05
N GLU A 86 -21.35 -0.86 11.97
CA GLU A 86 -20.65 -0.01 10.99
C GLU A 86 -19.65 -0.89 10.28
N ASN A 87 -19.32 -0.50 9.06
CA ASN A 87 -18.35 -1.23 8.22
C ASN A 87 -17.00 -1.21 8.91
N VAL A 88 -16.30 -2.32 8.88
CA VAL A 88 -14.89 -2.35 9.33
C VAL A 88 -14.10 -1.93 8.11
N THR A 89 -13.14 -1.05 8.31
CA THR A 89 -12.13 -0.71 7.27
C THR A 89 -10.82 -1.40 7.66
N ILE A 90 -10.38 -2.31 6.81
CA ILE A 90 -9.20 -3.19 7.02
C ILE A 90 -8.04 -2.51 6.32
N ASN A 91 -6.97 -2.20 7.05
CA ASN A 91 -5.81 -1.58 6.40
C ASN A 91 -5.17 -2.65 5.52
N GLU A 92 -4.93 -2.31 4.25
CA GLU A 92 -4.46 -3.29 3.26
C GLU A 92 -3.00 -3.65 3.54
N ASN A 93 -2.19 -2.68 4.00
CA ASN A 93 -0.76 -2.96 4.30
C ASN A 93 -0.71 -3.93 5.48
N ASP A 94 -1.49 -3.68 6.53
CA ASP A 94 -1.55 -4.59 7.70
C ASP A 94 -1.97 -5.97 7.21
N PHE A 95 -3.01 -6.04 6.39
CA PHE A 95 -3.55 -7.31 5.90
C PHE A 95 -2.45 -8.07 5.17
N ILE A 96 -1.76 -7.41 4.27
CA ILE A 96 -0.72 -8.12 3.49
C ILE A 96 0.40 -8.56 4.43
N ASN A 97 0.75 -7.74 5.43
CA ASN A 97 1.82 -8.17 6.34
C ASN A 97 1.34 -9.39 7.16
N GLN A 98 0.05 -9.49 7.48
CA GLN A 98 -0.42 -10.72 8.12
C GLN A 98 -0.28 -11.93 7.21
N LEU A 99 -0.67 -11.77 5.95
CA LEU A 99 -0.52 -12.84 4.95
C LEU A 99 0.94 -13.23 4.87
N LYS A 100 1.84 -12.25 4.79
CA LYS A 100 3.25 -12.55 4.52
C LYS A 100 3.87 -13.27 5.71
N ALA A 101 3.48 -12.89 6.92
CA ALA A 101 4.05 -13.49 8.15
C ALA A 101 3.61 -14.96 8.23
N ASN A 102 2.49 -15.29 7.61
CA ASN A 102 1.90 -16.64 7.68
C ASN A 102 2.14 -17.41 6.39
N GLY A 103 3.15 -17.04 5.60
CA GLY A 103 3.64 -17.90 4.51
C GLY A 103 2.91 -17.70 3.21
N VAL A 104 2.15 -16.60 3.09
CA VAL A 104 1.63 -16.20 1.77
C VAL A 104 2.67 -15.33 1.08
N THR A 105 2.98 -15.57 -0.17
CA THR A 105 3.76 -14.58 -0.93
C THR A 105 2.80 -13.75 -1.79
N VAL A 106 3.13 -12.50 -1.95
CA VAL A 106 2.26 -11.52 -2.61
C VAL A 106 3.03 -10.95 -3.78
N LYS A 107 2.30 -10.74 -4.86
CA LYS A 107 2.87 -10.18 -6.07
C LYS A 107 2.11 -8.90 -6.39
N THR A 108 2.84 -7.99 -7.01
CA THR A 108 2.22 -6.87 -7.74
C THR A 108 2.15 -7.28 -9.19
N VAL A 109 0.96 -7.46 -9.72
CA VAL A 109 0.78 -7.77 -11.15
C VAL A 109 0.92 -6.45 -11.88
N GLN A 110 1.96 -6.31 -12.69
CA GLN A 110 2.27 -5.04 -13.33
C GLN A 110 1.33 -4.82 -14.49
N PRO A 111 0.99 -3.53 -14.74
CA PRO A 111 0.18 -3.19 -15.91
C PRO A 111 0.98 -3.43 -17.19
N SER A 112 0.30 -3.79 -18.27
CA SER A 112 1.02 -4.02 -19.53
C SER A 112 1.11 -2.72 -20.32
N ASN A 113 0.40 -1.66 -19.93
CA ASN A 113 0.61 -0.29 -20.48
C ASN A 113 0.06 0.73 -19.52
N LYS A 114 0.27 2.02 -19.80
CA LYS A 114 -0.11 3.18 -18.93
C LYS A 114 -1.62 3.22 -18.67
N ASN A 115 -2.45 2.54 -19.47
CA ASN A 115 -3.92 2.59 -19.29
C ASN A 115 -4.38 1.50 -18.32
N GLU A 116 -3.47 0.67 -17.81
CA GLU A 116 -3.82 -0.40 -16.85
C GLU A 116 -3.25 -0.04 -15.49
N LYS A 117 -3.85 -0.57 -14.42
CA LYS A 117 -3.38 -0.29 -13.07
C LYS A 117 -2.71 -1.56 -12.56
N ALA A 118 -1.59 -1.39 -11.87
CA ALA A 118 -1.01 -2.47 -11.06
C ALA A 118 -2.05 -2.88 -10.01
N TYR A 119 -1.99 -4.13 -9.57
CA TYR A 119 -2.75 -4.62 -8.41
C TYR A 119 -1.97 -5.69 -7.69
N GLU A 120 -2.30 -5.86 -6.42
CA GLU A 120 -1.70 -6.90 -5.56
C GLU A 120 -2.55 -8.15 -5.61
N ALA A 121 -1.86 -9.29 -5.65
CA ALA A 121 -2.51 -10.60 -5.76
C ALA A 121 -1.71 -11.64 -5.02
N ILE A 122 -2.43 -12.68 -4.59
CA ILE A 122 -1.78 -13.85 -3.99
C ILE A 122 -0.85 -14.45 -5.04
N ASP A 123 0.41 -14.70 -4.67
CA ASP A 123 1.37 -15.38 -5.59
C ASP A 123 1.40 -16.84 -5.15
N LYS A 124 2.06 -17.13 -4.03
CA LYS A 124 2.19 -18.55 -3.56
C LYS A 124 1.40 -18.68 -2.27
N VAL A 125 0.76 -19.83 -2.11
CA VAL A 125 0.01 -20.11 -0.85
C VAL A 125 0.78 -21.10 -0.02
N PRO A 126 0.69 -21.00 1.31
CA PRO A 126 1.24 -22.01 2.20
C PRO A 126 0.29 -23.23 2.22
N SER A 127 0.75 -24.32 2.83
N SER A 127 0.76 -24.30 2.86
CA SER A 127 -0.07 -25.53 3.03
CA SER A 127 -0.02 -25.53 3.07
C SER A 127 -0.98 -25.39 4.26
C SER A 127 -0.95 -25.39 4.27
N THR A 128 -0.63 -24.54 5.24
CA THR A 128 -1.27 -24.53 6.59
C THR A 128 -2.18 -23.30 6.71
N SER A 129 -3.37 -23.49 7.28
N SER A 129 -3.37 -23.48 7.27
CA SER A 129 -4.31 -22.41 7.66
CA SER A 129 -4.31 -22.38 7.55
C SER A 129 -3.70 -21.49 8.70
C SER A 129 -3.77 -21.52 8.70
N PHE A 130 -4.24 -20.29 8.80
CA PHE A 130 -3.85 -19.35 9.88
C PHE A 130 -5.01 -18.39 10.06
N ASN A 131 -4.99 -17.63 11.14
CA ASN A 131 -6.01 -16.60 11.37
C ASN A 131 -5.45 -15.23 11.01
N ILE A 132 -6.29 -14.39 10.46
N ILE A 132 -6.28 -14.37 10.48
CA ILE A 132 -6.13 -12.91 10.34
CA ILE A 132 -5.97 -12.92 10.47
C ILE A 132 -6.76 -12.29 11.58
C ILE A 132 -6.73 -12.28 11.63
N THR A 133 -6.11 -11.29 12.17
N THR A 133 -6.10 -11.28 12.22
CA THR A 133 -6.62 -10.57 13.37
CA THR A 133 -6.63 -10.58 13.41
C THR A 133 -7.18 -9.23 12.92
C THR A 133 -7.17 -9.23 12.94
N LEU A 134 -8.39 -8.92 13.35
CA LEU A 134 -9.01 -7.61 13.08
C LEU A 134 -9.40 -7.02 14.43
N SER A 135 -8.92 -5.81 14.69
CA SER A 135 -9.28 -5.07 15.92
C SER A 135 -9.89 -3.75 15.53
N ALA A 136 -10.75 -3.24 16.39
CA ALA A 136 -11.30 -1.89 16.24
C ALA A 136 -11.56 -1.34 17.64
N THR A 137 -11.49 -0.02 17.72
CA THR A 137 -11.66 0.68 19.01
C THR A 137 -13.01 1.39 18.98
N GLY A 138 -13.83 1.11 19.99
CA GLY A 138 -15.14 1.74 20.12
C GLY A 138 -15.12 2.88 21.09
N ASP A 139 -16.25 3.08 21.75
CA ASP A 139 -16.39 4.17 22.76
C ASP A 139 -15.40 3.89 23.91
N ASN A 140 -14.90 4.96 24.51
CA ASN A 140 -14.17 4.89 25.79
C ASN A 140 -12.88 4.11 25.59
N ASN A 141 -12.32 4.17 24.39
CA ASN A 141 -11.05 3.51 24.02
C ASN A 141 -11.11 2.02 24.34
N GLN A 142 -12.30 1.42 24.25
CA GLN A 142 -12.43 -0.05 24.43
C GLN A 142 -12.20 -0.73 23.07
N THR A 143 -11.28 -1.68 22.99
CA THR A 143 -10.91 -2.39 21.75
C THR A 143 -11.58 -3.76 21.75
N ALA A 144 -12.10 -4.19 20.62
CA ALA A 144 -12.52 -5.58 20.38
C ALA A 144 -11.63 -6.16 19.28
N THR A 145 -11.40 -7.44 19.39
CA THR A 145 -10.55 -8.21 18.45
C THR A 145 -11.29 -9.48 18.03
N ILE A 146 -11.21 -9.79 16.73
CA ILE A 146 -11.67 -11.11 16.24
C ILE A 146 -10.58 -11.73 15.39
N GLN A 147 -10.63 -13.04 15.30
CA GLN A 147 -9.70 -13.82 14.47
C GLN A 147 -10.51 -14.50 13.36
N ILE A 148 -10.02 -14.41 12.14
CA ILE A 148 -10.77 -14.93 10.96
C ILE A 148 -9.90 -15.99 10.32
N PRO A 149 -10.30 -17.26 10.31
CA PRO A 149 -9.47 -18.29 9.69
C PRO A 149 -9.39 -18.18 8.17
N MET A 150 -8.15 -18.30 7.67
CA MET A 150 -7.81 -18.24 6.26
C MET A 150 -7.41 -19.65 5.83
N VAL A 151 -7.95 -20.12 4.73
CA VAL A 151 -7.70 -21.50 4.24
C VAL A 151 -7.11 -21.43 2.85
N PRO A 152 -5.81 -21.80 2.69
CA PRO A 152 -5.22 -21.80 1.35
C PRO A 152 -5.75 -22.95 0.49
N GLN A 153 -6.01 -22.69 -0.78
CA GLN A 153 -6.26 -23.76 -1.78
C GLN A 153 -5.06 -23.79 -2.72
N GLY A 154 -4.47 -24.97 -2.97
CA GLY A 154 -3.07 -25.18 -3.42
C GLY A 154 -2.99 -25.39 -4.91
N PRO B 26 -7.21 7.81 11.52
CA PRO B 26 -6.17 7.62 10.48
C PRO B 26 -6.64 6.77 9.28
N GLN B 27 -7.67 5.95 9.50
CA GLN B 27 -8.20 4.96 8.52
C GLN B 27 -8.73 5.67 7.28
N ASN B 28 -9.14 6.92 7.40
CA ASN B 28 -9.73 7.66 6.26
C ASN B 28 -8.64 8.14 5.30
N LYS B 29 -7.35 7.99 5.63
CA LYS B 29 -6.29 8.64 4.84
C LYS B 29 -5.72 7.70 3.77
N PRO B 30 -5.43 8.20 2.55
CA PRO B 30 -4.69 7.40 1.58
C PRO B 30 -3.23 7.36 2.04
N TYR B 31 -2.41 6.49 1.43
CA TYR B 31 -1.03 6.33 1.91
C TYR B 31 -0.19 5.66 0.84
N PHE B 32 1.10 5.85 0.99
CA PHE B 32 2.11 5.15 0.18
C PHE B 32 2.77 4.07 1.03
N THR B 33 3.23 3.03 0.34
CA THR B 33 4.05 1.98 0.97
C THR B 33 5.36 1.86 0.21
N TYR B 34 6.36 1.45 0.95
CA TYR B 34 7.64 0.96 0.40
C TYR B 34 8.07 -0.22 1.23
N ASN B 35 8.41 -1.34 0.60
CA ASN B 35 9.13 -2.42 1.31
C ASN B 35 8.38 -2.76 2.60
N ASN B 36 7.08 -2.97 2.44
CA ASN B 36 6.17 -3.58 3.43
C ASN B 36 5.80 -2.58 4.51
N GLU B 37 6.19 -1.31 4.40
CA GLU B 37 5.85 -0.31 5.42
C GLU B 37 5.09 0.86 4.80
N ILE B 38 4.18 1.39 5.58
CA ILE B 38 3.49 2.64 5.28
C ILE B 38 4.44 3.79 5.51
N ILE B 39 4.53 4.67 4.53
N ILE B 39 4.55 4.66 4.53
CA ILE B 39 5.35 5.91 4.62
CA ILE B 39 5.42 5.84 4.69
C ILE B 39 4.62 6.91 5.52
C ILE B 39 4.66 6.88 5.52
N GLY B 40 5.38 7.56 6.39
CA GLY B 40 4.81 8.57 7.28
C GLY B 40 4.47 9.85 6.57
N GLU B 41 3.87 10.74 7.34
CA GLU B 41 3.55 12.12 6.92
C GLU B 41 4.64 13.10 7.30
N ALA B 42 4.80 14.14 6.49
CA ALA B 42 5.56 15.34 6.87
C ALA B 42 4.68 16.11 7.85
N THR B 43 5.16 16.31 9.06
CA THR B 43 4.45 17.01 10.15
C THR B 43 5.26 18.24 10.52
N GLN B 44 4.64 19.10 11.31
CA GLN B 44 5.26 20.18 12.12
C GLN B 44 6.56 19.70 12.78
N SER B 45 6.41 18.67 13.61
CA SER B 45 7.46 18.05 14.45
C SER B 45 8.49 17.36 13.54
N ASN B 46 8.03 16.77 12.45
CA ASN B 46 8.92 15.97 11.58
C ASN B 46 8.68 16.30 10.11
N PRO B 47 9.27 17.39 9.61
CA PRO B 47 9.09 17.77 8.22
C PRO B 47 9.63 16.73 7.22
N LEU B 48 10.52 15.87 7.67
CA LEU B 48 11.09 14.81 6.80
C LEU B 48 10.40 13.48 7.08
N GLY B 49 9.23 13.51 7.73
CA GLY B 49 8.53 12.26 8.10
C GLY B 49 8.07 11.47 6.90
N ASN B 50 8.01 12.05 5.70
CA ASN B 50 7.51 11.35 4.49
C ASN B 50 8.66 11.04 3.52
N VAL B 51 9.88 11.02 4.01
CA VAL B 51 11.04 10.64 3.17
C VAL B 51 11.10 9.12 3.11
N VAL B 52 11.08 8.60 1.91
CA VAL B 52 11.18 7.14 1.70
C VAL B 52 12.59 6.70 2.11
N ARG B 53 12.71 5.54 2.73
CA ARG B 53 14.02 4.99 3.17
C ARG B 53 14.64 4.23 1.98
N THR B 54 14.88 4.93 0.88
CA THR B 54 15.71 4.43 -0.22
C THR B 54 16.37 5.63 -0.89
N THR B 55 17.14 5.35 -1.93
CA THR B 55 17.76 6.39 -2.79
C THR B 55 17.63 5.93 -4.22
N ILE B 56 17.41 6.91 -5.11
CA ILE B 56 17.49 6.71 -6.57
C ILE B 56 18.76 7.38 -7.05
N SER B 57 19.72 6.59 -7.47
CA SER B 57 20.97 7.16 -8.04
C SER B 57 20.67 7.51 -9.49
N PHE B 58 21.28 8.57 -9.99
CA PHE B 58 21.06 8.96 -11.39
C PHE B 58 22.38 9.55 -11.90
N LYS B 59 22.58 9.42 -13.20
CA LYS B 59 23.84 9.85 -13.83
C LYS B 59 23.53 10.32 -15.25
N SER B 60 24.49 11.00 -15.86
N SER B 60 24.50 11.00 -15.87
CA SER B 60 24.42 11.43 -17.27
CA SER B 60 24.51 11.39 -17.31
C SER B 60 23.98 10.26 -18.15
C SER B 60 24.01 10.23 -18.17
N ASP B 61 23.05 10.52 -19.06
CA ASP B 61 22.52 9.57 -20.08
C ASP B 61 21.39 8.71 -19.54
N ASP B 62 21.09 8.74 -18.24
CA ASP B 62 19.89 8.01 -17.73
C ASP B 62 18.65 8.61 -18.38
N LYS B 63 17.77 7.77 -18.93
CA LYS B 63 16.50 8.19 -19.55
C LYS B 63 15.56 8.63 -18.45
N VAL B 64 14.94 9.79 -18.61
CA VAL B 64 13.94 10.25 -17.60
C VAL B 64 12.87 9.17 -17.48
N SER B 65 12.38 8.62 -18.59
CA SER B 65 11.34 7.57 -18.56
C SER B 65 11.79 6.41 -17.67
N ASP B 66 13.09 6.06 -17.67
CA ASP B 66 13.58 4.93 -16.84
C ASP B 66 13.55 5.30 -15.37
N LEU B 67 14.00 6.51 -14.98
CA LEU B 67 14.05 6.96 -13.57
C LEU B 67 12.60 6.96 -13.07
N ILE B 68 11.68 7.42 -13.90
CA ILE B 68 10.26 7.49 -13.49
C ILE B 68 9.71 6.08 -13.35
N SER B 69 10.04 5.19 -14.27
CA SER B 69 9.58 3.78 -14.24
C SER B 69 10.04 3.13 -12.93
N THR B 70 11.31 3.33 -12.59
CA THR B 70 11.92 2.79 -11.36
C THR B 70 11.12 3.26 -10.13
N ILE B 71 10.88 4.55 -10.01
CA ILE B 71 10.29 5.10 -8.78
C ILE B 71 8.85 4.62 -8.75
N SER B 72 8.18 4.66 -9.89
CA SER B 72 6.72 4.39 -9.99
C SER B 72 6.43 2.97 -9.52
N LYS B 73 7.35 2.02 -9.76
CA LYS B 73 7.24 0.60 -9.37
C LYS B 73 7.81 0.35 -7.98
N ALA B 74 8.68 1.22 -7.47
CA ALA B 74 9.39 1.03 -6.18
C ALA B 74 8.46 1.30 -5.02
N VAL B 75 7.64 2.35 -5.16
N VAL B 75 7.59 2.28 -5.21
CA VAL B 75 6.66 2.72 -4.11
CA VAL B 75 6.66 2.78 -4.18
C VAL B 75 5.29 2.44 -4.70
C VAL B 75 5.25 2.55 -4.70
N GLN B 76 4.34 2.20 -3.81
CA GLN B 76 2.94 1.95 -4.21
C GLN B 76 2.04 2.96 -3.51
N PHE B 77 1.01 3.39 -4.22
CA PHE B 77 -0.04 4.26 -3.63
C PHE B 77 -1.30 3.47 -3.33
N HIS B 78 -1.91 3.78 -2.18
CA HIS B 78 -3.16 3.18 -1.73
C HIS B 78 -4.22 4.27 -1.58
N LYS B 79 -5.21 4.24 -2.46
CA LYS B 79 -6.14 5.37 -2.59
C LYS B 79 -7.14 5.40 -1.43
N ASN B 80 -7.25 4.33 -0.65
CA ASN B 80 -8.06 4.28 0.56
C ASN B 80 -7.44 3.26 1.48
N ASN B 81 -7.99 3.10 2.66
CA ASN B 81 -7.35 2.30 3.73
C ASN B 81 -7.16 0.86 3.27
N SER B 82 -8.13 0.33 2.51
CA SER B 82 -8.23 -1.09 2.10
C SER B 82 -7.71 -1.33 0.69
N ALA B 83 -7.24 -0.31 0.00
CA ALA B 83 -6.92 -0.41 -1.43
C ALA B 83 -5.66 -1.25 -1.65
N SER B 84 -5.66 -1.95 -2.77
CA SER B 84 -4.44 -2.50 -3.39
C SER B 84 -3.46 -1.37 -3.61
N GLY B 85 -2.16 -1.65 -3.45
CA GLY B 85 -1.13 -0.77 -4.00
C GLY B 85 -1.25 -0.66 -5.50
N GLU B 86 -1.01 0.52 -6.03
CA GLU B 86 -0.89 0.75 -7.47
C GLU B 86 0.38 1.54 -7.70
N ASN B 87 0.89 1.59 -8.94
CA ASN B 87 2.12 2.34 -9.23
C ASN B 87 1.86 3.82 -8.96
N VAL B 88 2.84 4.53 -8.47
CA VAL B 88 2.71 5.99 -8.28
C VAL B 88 2.69 6.68 -9.65
N THR B 89 1.69 7.51 -9.88
CA THR B 89 1.56 8.26 -11.15
C THR B 89 2.50 9.46 -11.07
N ILE B 90 3.43 9.58 -12.03
CA ILE B 90 4.45 10.67 -11.98
C ILE B 90 4.33 11.48 -13.25
N ASN B 91 3.92 12.72 -13.15
CA ASN B 91 3.91 13.64 -14.30
C ASN B 91 5.35 13.88 -14.77
N GLU B 92 5.65 13.59 -16.02
CA GLU B 92 7.01 13.70 -16.56
C GLU B 92 7.49 15.16 -16.53
N ASN B 93 6.62 16.11 -16.88
CA ASN B 93 7.04 17.53 -16.92
C ASN B 93 7.35 17.98 -15.50
N ASP B 94 6.50 17.62 -14.53
CA ASP B 94 6.72 18.00 -13.14
C ASP B 94 8.06 17.41 -12.68
N PHE B 95 8.30 16.15 -12.99
CA PHE B 95 9.51 15.44 -12.56
C PHE B 95 10.73 16.15 -13.12
N ILE B 96 10.69 16.47 -14.41
CA ILE B 96 11.83 17.17 -15.03
C ILE B 96 12.01 18.56 -14.38
N ASN B 97 10.91 19.26 -14.11
CA ASN B 97 11.03 20.60 -13.50
C ASN B 97 11.67 20.48 -12.12
N GLN B 98 11.38 19.40 -11.41
CA GLN B 98 12.01 19.20 -10.09
C GLN B 98 13.50 18.90 -10.26
N LEU B 99 13.88 18.12 -11.25
CA LEU B 99 15.31 17.90 -11.53
C LEU B 99 15.96 19.24 -11.83
N LYS B 100 15.34 20.04 -12.68
CA LYS B 100 15.94 21.34 -13.09
C LYS B 100 16.08 22.28 -11.90
N ALA B 101 15.10 22.31 -11.00
CA ALA B 101 15.09 23.19 -9.81
C ALA B 101 16.24 22.82 -8.88
N ASN B 102 16.69 21.58 -8.95
CA ASN B 102 17.72 21.00 -8.05
C ASN B 102 19.04 20.83 -8.80
N GLY B 103 19.27 21.61 -9.86
CA GLY B 103 20.60 21.76 -10.48
C GLY B 103 20.94 20.67 -11.49
N VAL B 104 20.00 19.85 -11.90
CA VAL B 104 20.19 18.83 -12.95
C VAL B 104 19.98 19.51 -14.32
N THR B 105 20.87 19.23 -15.27
CA THR B 105 20.70 19.71 -16.64
C THR B 105 20.10 18.56 -17.41
N VAL B 106 18.97 18.79 -18.04
CA VAL B 106 18.23 17.78 -18.79
C VAL B 106 18.46 18.04 -20.27
N LYS B 107 18.57 16.97 -21.04
CA LYS B 107 18.74 17.05 -22.49
C LYS B 107 17.62 16.29 -23.17
N THR B 108 17.31 16.74 -24.36
CA THR B 108 16.59 15.91 -25.35
C THR B 108 17.65 15.27 -26.24
N VAL B 109 17.74 13.95 -26.21
CA VAL B 109 18.60 13.19 -27.13
C VAL B 109 17.86 13.13 -28.45
N GLN B 110 18.38 13.82 -29.45
CA GLN B 110 17.73 13.83 -30.78
C GLN B 110 17.98 12.51 -31.48
N PRO B 111 16.99 12.09 -32.28
CA PRO B 111 17.13 10.90 -33.11
C PRO B 111 18.19 11.18 -34.18
N SER B 112 19.03 10.19 -34.42
CA SER B 112 20.16 10.35 -35.36
C SER B 112 19.70 9.87 -36.74
N ASN B 113 18.54 9.25 -36.83
CA ASN B 113 17.90 8.90 -38.13
C ASN B 113 16.41 8.76 -37.88
N LYS B 114 15.66 8.61 -38.99
CA LYS B 114 14.18 8.50 -39.02
C LYS B 114 13.70 7.25 -38.26
N ASN B 115 14.56 6.27 -37.98
CA ASN B 115 14.16 5.05 -37.23
C ASN B 115 14.23 5.26 -35.71
N GLU B 116 14.68 6.41 -35.23
CA GLU B 116 14.75 6.69 -33.77
C GLU B 116 13.72 7.75 -33.40
N LYS B 117 13.37 7.87 -32.11
CA LYS B 117 12.48 8.95 -31.59
C LYS B 117 13.25 9.75 -30.53
N ALA B 118 12.95 11.03 -30.39
CA ALA B 118 13.57 11.86 -29.34
C ALA B 118 13.16 11.32 -27.97
N TYR B 119 14.04 11.43 -26.99
CA TYR B 119 13.71 11.18 -25.58
C TYR B 119 14.51 12.12 -24.69
N GLU B 120 14.01 12.30 -23.48
CA GLU B 120 14.65 13.15 -22.47
C GLU B 120 15.53 12.30 -21.58
N ALA B 121 16.67 12.84 -21.22
CA ALA B 121 17.70 12.16 -20.44
C ALA B 121 18.44 13.14 -19.55
N ILE B 122 19.04 12.62 -18.52
CA ILE B 122 20.01 13.39 -17.70
C ILE B 122 21.17 13.83 -18.58
N ASP B 123 21.50 15.11 -18.58
CA ASP B 123 22.74 15.61 -19.26
C ASP B 123 23.86 15.71 -18.24
N LYS B 124 23.72 16.63 -17.29
CA LYS B 124 24.72 16.87 -16.23
C LYS B 124 24.05 16.76 -14.86
N VAL B 125 24.76 16.21 -13.91
CA VAL B 125 24.24 16.02 -12.53
C VAL B 125 24.89 17.08 -11.66
N PRO B 126 24.17 17.54 -10.63
CA PRO B 126 24.76 18.43 -9.63
C PRO B 126 25.65 17.55 -8.71
N SER B 127 26.41 18.22 -7.85
CA SER B 127 27.23 17.53 -6.83
C SER B 127 26.36 17.11 -5.63
N THR B 128 25.18 17.72 -5.46
CA THR B 128 24.38 17.69 -4.22
C THR B 128 23.16 16.80 -4.39
N SER B 129 22.83 16.00 -3.39
CA SER B 129 21.59 15.18 -3.33
C SER B 129 20.40 16.11 -3.11
N PHE B 130 19.20 15.63 -3.41
CA PHE B 130 17.96 16.37 -3.16
C PHE B 130 16.83 15.36 -3.16
N ASN B 131 15.71 15.78 -2.59
CA ASN B 131 14.48 14.97 -2.60
C ASN B 131 13.57 15.52 -3.70
N ILE B 132 12.93 14.62 -4.41
CA ILE B 132 11.82 14.93 -5.34
C ILE B 132 10.54 14.67 -4.55
N THR B 133 9.54 15.51 -4.75
CA THR B 133 8.26 15.36 -4.04
C THR B 133 7.25 14.74 -5.00
N LEU B 134 6.59 13.68 -4.58
CA LEU B 134 5.49 13.08 -5.35
C LEU B 134 4.24 13.09 -4.50
N SER B 135 3.15 13.49 -5.11
CA SER B 135 1.84 13.50 -4.44
C SER B 135 0.86 12.67 -5.24
N ALA B 136 -0.17 12.23 -4.57
CA ALA B 136 -1.29 11.48 -5.18
C ALA B 136 -2.51 11.77 -4.31
N THR B 137 -3.68 11.71 -4.90
CA THR B 137 -4.94 11.93 -4.16
C THR B 137 -5.68 10.61 -4.14
N GLY B 138 -6.32 10.36 -3.02
CA GLY B 138 -7.13 9.16 -2.81
C GLY B 138 -8.59 9.37 -3.18
N ASP B 139 -9.41 8.41 -2.77
CA ASP B 139 -10.86 8.36 -3.07
C ASP B 139 -11.62 9.54 -2.46
N ASN B 140 -11.09 10.17 -1.43
CA ASN B 140 -11.74 11.39 -0.88
C ASN B 140 -10.94 12.62 -1.27
N ASN B 141 -10.14 12.53 -2.31
CA ASN B 141 -9.37 13.66 -2.89
C ASN B 141 -8.48 14.32 -1.86
N GLN B 142 -8.12 13.62 -0.79
CA GLN B 142 -7.02 14.05 0.10
C GLN B 142 -5.69 13.69 -0.57
N THR B 143 -4.73 14.56 -0.41
CA THR B 143 -3.34 14.39 -0.90
C THR B 143 -2.49 13.67 0.14
N ALA B 144 -1.74 12.67 -0.32
CA ALA B 144 -0.58 12.12 0.41
C ALA B 144 0.64 12.53 -0.42
N THR B 145 1.73 12.78 0.29
CA THR B 145 2.98 13.24 -0.30
C THR B 145 4.11 12.36 0.21
N ILE B 146 5.05 12.04 -0.67
CA ILE B 146 6.32 11.40 -0.28
C ILE B 146 7.47 12.20 -0.88
N GLN B 147 8.64 12.06 -0.26
CA GLN B 147 9.90 12.60 -0.78
C GLN B 147 10.78 11.42 -1.14
N ILE B 148 11.39 11.51 -2.31
CA ILE B 148 12.27 10.43 -2.85
C ILE B 148 13.67 11.01 -2.94
N PRO B 149 14.62 10.51 -2.13
CA PRO B 149 16.00 10.98 -2.23
C PRO B 149 16.64 10.59 -3.57
N MET B 150 17.13 11.62 -4.26
CA MET B 150 17.87 11.50 -5.53
C MET B 150 19.35 11.74 -5.26
N VAL B 151 20.20 10.79 -5.65
CA VAL B 151 21.65 10.85 -5.38
C VAL B 151 22.41 10.85 -6.70
N PRO B 152 23.08 11.96 -7.05
CA PRO B 152 23.82 12.02 -8.32
C PRO B 152 25.07 11.15 -8.31
N GLN B 153 25.31 10.39 -9.38
CA GLN B 153 26.61 9.70 -9.61
C GLN B 153 27.37 10.44 -10.70
N GLY B 154 28.67 10.67 -10.52
CA GLY B 154 29.62 10.91 -11.62
C GLY B 154 29.54 12.32 -12.13
#